data_4IJ5
#
_entry.id   4IJ5
#
_cell.length_a   49.810
_cell.length_b   73.630
_cell.length_c   124.280
_cell.angle_alpha   90.000
_cell.angle_beta   90.000
_cell.angle_gamma   90.000
#
_symmetry.space_group_name_H-M   'P 21 21 21'
#
loop_
_entity.id
_entity.type
_entity.pdbx_description
1 polymer 'Phosphoserine phosphatase 1'
2 non-polymer 'CHLORIDE ION'
3 non-polymer 1,2-ETHANEDIOL
4 water water
#
_entity_poly.entity_id   1
_entity_poly.type   'polypeptide(L)'
_entity_poly.pdbx_seq_one_letter_code
;MVKLILVRHAESEWNPVGRYQGLLDPDLSERGKKQAKLLAQELSREHLDVIYSSPLKRTYLTALEIAEAKNLEVIKEDRI
IEIDHGMWSGMLVEEVMEKYPEDFRRWVEEPHKVEFQGGESLASVYNRVKGFLEEVRKRHWNQTVVVVSHTVPMRAMYCA
LLGVDLSKFWSFGCDNASYSVIHMEERRNVILKLNITCHLGEFYVEAHKAI
;
_entity_poly.pdbx_strand_id   A,B
#
loop_
_chem_comp.id
_chem_comp.type
_chem_comp.name
_chem_comp.formula
CL non-polymer 'CHLORIDE ION' 'Cl -1'
EDO non-polymer 1,2-ETHANEDIOL 'C2 H6 O2'
#
# COMPACT_ATOMS: atom_id res chain seq x y z
N MET A 1 -10.27 -7.91 -15.28
CA MET A 1 -10.06 -7.02 -14.10
C MET A 1 -9.77 -5.62 -14.58
N VAL A 2 -9.91 -4.63 -13.70
CA VAL A 2 -9.43 -3.28 -14.01
C VAL A 2 -8.08 -3.11 -13.32
N LYS A 3 -7.10 -2.60 -14.07
CA LYS A 3 -5.85 -2.13 -13.45
C LYS A 3 -6.03 -0.65 -13.22
N LEU A 4 -6.23 -0.30 -11.96
CA LEU A 4 -6.53 1.05 -11.54
C LEU A 4 -5.26 1.67 -10.97
N ILE A 5 -4.80 2.73 -11.58
CA ILE A 5 -3.59 3.43 -11.16
C ILE A 5 -4.04 4.75 -10.53
N LEU A 6 -3.93 4.82 -9.21
CA LEU A 6 -4.41 5.97 -8.46
CA LEU A 6 -4.41 5.99 -8.47
C LEU A 6 -3.24 6.91 -8.18
N VAL A 7 -3.33 8.12 -8.71
CA VAL A 7 -2.23 9.09 -8.70
C VAL A 7 -2.63 10.33 -7.89
N ARG A 8 -1.78 10.74 -6.98
CA ARG A 8 -1.94 12.07 -6.34
C ARG A 8 -1.22 13.09 -7.21
N HIS A 9 -1.89 14.23 -7.43
CA HIS A 9 -1.26 15.32 -8.18
C HIS A 9 0.13 15.64 -7.67
N ALA A 10 0.96 16.12 -8.58
CA ALA A 10 2.25 16.70 -8.22
C ALA A 10 2.09 17.92 -7.31
N GLU A 11 3.21 18.32 -6.72
CA GLU A 11 3.20 19.39 -5.74
C GLU A 11 2.64 20.70 -6.28
N SER A 12 1.69 21.28 -5.55
CA SER A 12 1.20 22.60 -5.91
C SER A 12 1.97 23.67 -5.13
N GLU A 13 1.75 24.92 -5.52
CA GLU A 13 2.41 26.04 -4.84
C GLU A 13 2.07 26.13 -3.36
N TRP A 14 0.93 25.56 -2.93
CA TRP A 14 0.51 25.64 -1.53
C TRP A 14 0.94 24.46 -0.71
N ASN A 15 1.45 23.41 -1.35
CA ASN A 15 1.83 22.21 -0.59
C ASN A 15 3.02 22.42 0.38
N PRO A 16 4.11 23.10 -0.04
CA PRO A 16 5.24 23.24 0.90
C PRO A 16 4.91 23.99 2.18
N VAL A 17 4.03 25.00 2.12
CA VAL A 17 3.64 25.74 3.34
C VAL A 17 2.45 25.09 4.09
N GLY A 18 1.83 24.08 3.51
CA GLY A 18 0.71 23.42 4.15
C GLY A 18 -0.54 24.29 4.23
N ARG A 19 -0.86 24.97 3.13
CA ARG A 19 -2.09 25.76 3.08
C ARG A 19 -3.22 24.91 2.49
N TYR A 20 -4.35 24.85 3.21
CA TYR A 20 -5.52 24.06 2.76
C TYR A 20 -6.03 24.61 1.43
N GLN A 21 -6.13 23.72 0.44
CA GLN A 21 -6.50 24.13 -0.91
C GLN A 21 -7.99 23.98 -1.18
N GLY A 22 -8.57 22.86 -0.79
CA GLY A 22 -9.98 22.58 -1.11
C GLY A 22 -10.23 22.75 -2.60
N LEU A 23 -11.30 23.48 -2.92
CA LEU A 23 -11.71 23.72 -4.29
C LEU A 23 -10.98 24.88 -4.93
N LEU A 24 -10.09 25.52 -4.18
CA LEU A 24 -9.28 26.60 -4.72
C LEU A 24 -8.19 26.03 -5.60
N ASP A 25 -7.58 26.85 -6.44
CA ASP A 25 -6.93 26.31 -7.65
C ASP A 25 -5.52 26.86 -7.93
N PRO A 26 -4.58 26.65 -6.98
CA PRO A 26 -3.21 27.06 -7.27
C PRO A 26 -2.50 26.21 -8.35
N ASP A 27 -1.50 26.81 -8.97
CA ASP A 27 -0.67 26.16 -9.97
C ASP A 27 0.23 25.11 -9.32
N LEU A 28 0.80 24.24 -10.15
CA LEU A 28 1.87 23.37 -9.68
C LEU A 28 3.08 24.23 -9.31
N SER A 29 3.82 23.79 -8.29
CA SER A 29 5.12 24.41 -8.03
C SER A 29 6.11 24.00 -9.12
N GLU A 30 7.26 24.68 -9.18
CA GLU A 30 8.27 24.26 -10.13
C GLU A 30 8.74 22.81 -9.86
N ARG A 31 8.91 22.47 -8.59
CA ARG A 31 9.22 21.09 -8.23
C ARG A 31 8.11 20.14 -8.71
N GLY A 32 6.84 20.55 -8.55
CA GLY A 32 5.72 19.72 -8.97
C GLY A 32 5.72 19.50 -10.47
N LYS A 33 6.07 20.52 -11.24
CA LYS A 33 6.15 20.35 -12.70
C LYS A 33 7.18 19.27 -13.08
N LYS A 34 8.29 19.26 -12.36
CA LYS A 34 9.32 18.23 -12.53
C LYS A 34 8.82 16.86 -12.09
N GLN A 35 8.15 16.81 -10.93
CA GLN A 35 7.57 15.55 -10.49
C GLN A 35 6.61 14.98 -11.52
N ALA A 36 5.76 15.82 -12.10
CA ALA A 36 4.76 15.37 -13.05
C ALA A 36 5.40 14.73 -14.27
N LYS A 37 6.50 15.32 -14.73
CA LYS A 37 7.21 14.77 -15.87
C LYS A 37 7.82 13.41 -15.53
N LEU A 38 8.40 13.29 -14.34
CA LEU A 38 9.01 12.03 -13.92
C LEU A 38 7.98 10.93 -13.75
N LEU A 39 6.83 11.26 -13.20
CA LEU A 39 5.72 10.33 -13.07
C LEU A 39 5.19 9.92 -14.45
N ALA A 40 5.04 10.88 -15.35
CA ALA A 40 4.57 10.57 -16.71
C ALA A 40 5.52 9.60 -17.42
N GLN A 41 6.81 9.79 -17.24
CA GLN A 41 7.81 8.91 -17.87
C GLN A 41 7.71 7.48 -17.33
N GLU A 42 7.46 7.36 -16.03
CA GLU A 42 7.30 6.05 -15.42
C GLU A 42 6.04 5.34 -15.91
N LEU A 43 4.91 6.05 -15.96
CA LEU A 43 3.64 5.42 -16.36
C LEU A 43 3.56 5.09 -17.85
N SER A 44 4.35 5.81 -18.64
CA SER A 44 4.37 5.62 -20.11
C SER A 44 5.00 4.29 -20.51
N ARG A 45 5.66 3.63 -19.57
CA ARG A 45 6.28 2.32 -19.81
C ARG A 45 5.24 1.23 -19.93
N GLU A 46 3.99 1.54 -19.64
CA GLU A 46 2.94 0.55 -19.81
C GLU A 46 1.71 1.04 -20.53
N HIS A 47 0.85 0.10 -20.91
CA HIS A 47 -0.31 0.42 -21.69
C HIS A 47 -1.33 1.12 -20.80
N LEU A 48 -1.78 2.29 -21.23
CA LEU A 48 -2.86 3.01 -20.54
C LEU A 48 -4.05 3.17 -21.49
N ASP A 49 -5.23 2.86 -21.00
CA ASP A 49 -6.45 3.00 -21.83
C ASP A 49 -7.16 4.32 -21.65
N VAL A 50 -7.21 4.83 -20.42
CA VAL A 50 -8.03 6.01 -20.12
C VAL A 50 -7.45 6.74 -18.91
N ILE A 51 -7.54 8.06 -18.93
CA ILE A 51 -7.07 8.88 -17.82
C ILE A 51 -8.17 9.83 -17.37
N TYR A 52 -8.59 9.69 -16.12
CA TYR A 52 -9.53 10.59 -15.48
C TYR A 52 -8.78 11.52 -14.57
N SER A 53 -9.24 12.77 -14.48
CA SER A 53 -8.59 13.72 -13.57
C SER A 53 -9.61 14.63 -12.90
N SER A 54 -9.37 14.93 -11.63
CA SER A 54 -10.00 16.09 -11.04
C SER A 54 -9.72 17.30 -11.94
N PRO A 55 -10.72 18.18 -12.13
CA PRO A 55 -10.57 19.31 -13.05
C PRO A 55 -9.70 20.47 -12.54
N LEU A 56 -9.27 20.43 -11.29
CA LEU A 56 -8.41 21.48 -10.76
C LEU A 56 -7.06 21.45 -11.44
N LYS A 57 -6.37 22.58 -11.52
CA LYS A 57 -5.11 22.70 -12.26
C LYS A 57 -4.05 21.71 -11.78
N ARG A 58 -3.88 21.59 -10.48
CA ARG A 58 -2.82 20.74 -9.96
C ARG A 58 -2.94 19.30 -10.45
N THR A 59 -4.16 18.77 -10.41
CA THR A 59 -4.45 17.44 -10.90
C THR A 59 -4.45 17.38 -12.44
N TYR A 60 -5.14 18.32 -13.06
CA TYR A 60 -5.25 18.30 -14.52
C TYR A 60 -3.90 18.40 -15.22
N LEU A 61 -3.01 19.27 -14.73
CA LEU A 61 -1.68 19.41 -15.31
C LEU A 61 -0.84 18.15 -15.10
N THR A 62 -1.01 17.49 -13.97
CA THR A 62 -0.32 16.21 -13.75
C THR A 62 -0.83 15.16 -14.75
N ALA A 63 -2.15 15.09 -14.89
CA ALA A 63 -2.81 14.18 -15.86
C ALA A 63 -2.40 14.44 -17.30
N LEU A 64 -2.26 15.72 -17.67
CA LEU A 64 -1.87 16.08 -19.03
C LEU A 64 -0.48 15.56 -19.36
N GLU A 65 0.45 15.62 -18.41
CA GLU A 65 1.79 15.09 -18.65
C GLU A 65 1.74 13.59 -18.90
N ILE A 66 0.94 12.89 -18.09
CA ILE A 66 0.75 11.44 -18.28
C ILE A 66 0.12 11.13 -19.65
N ALA A 67 -0.91 11.90 -20.01
CA ALA A 67 -1.67 11.72 -21.25
C ALA A 67 -0.89 12.05 -22.51
N GLU A 68 -0.11 13.12 -22.45
CA GLU A 68 0.69 13.56 -23.61
C GLU A 68 1.66 12.47 -23.99
N ALA A 69 2.20 11.79 -22.97
CA ALA A 69 3.22 10.77 -23.14
C ALA A 69 2.65 9.53 -23.82
N LYS A 70 1.33 9.42 -23.88
CA LYS A 70 0.66 8.26 -24.47
C LYS A 70 -0.36 8.60 -25.56
N ASN A 71 -0.41 9.87 -25.97
CA ASN A 71 -1.40 10.35 -26.94
C ASN A 71 -2.86 10.13 -26.53
N LEU A 72 -3.16 10.31 -25.24
CA LEU A 72 -4.53 10.16 -24.76
C LEU A 72 -5.15 11.50 -24.39
N GLU A 73 -6.48 11.55 -24.35
CA GLU A 73 -7.24 12.68 -23.82
C GLU A 73 -7.40 12.53 -22.30
N VAL A 74 -7.44 13.65 -21.61
CA VAL A 74 -7.79 13.60 -20.18
C VAL A 74 -9.28 13.84 -20.07
N ILE A 75 -9.96 12.97 -19.33
CA ILE A 75 -11.37 13.13 -19.04
C ILE A 75 -11.49 13.78 -17.67
N LYS A 76 -11.96 15.03 -17.65
CA LYS A 76 -12.28 15.68 -16.39
C LYS A 76 -13.42 15.00 -15.67
N GLU A 77 -13.24 14.85 -14.36
CA GLU A 77 -14.17 14.08 -13.56
C GLU A 77 -14.42 14.79 -12.23
N ASP A 78 -15.62 15.38 -12.09
CA ASP A 78 -15.97 16.07 -10.86
C ASP A 78 -16.02 15.16 -9.64
N ARG A 79 -16.32 13.87 -9.82
CA ARG A 79 -16.47 13.00 -8.66
C ARG A 79 -15.19 12.72 -7.90
N ILE A 80 -14.04 13.04 -8.50
CA ILE A 80 -12.74 12.85 -7.85
C ILE A 80 -12.07 14.18 -7.47
N ILE A 81 -12.83 15.27 -7.52
CA ILE A 81 -12.33 16.57 -7.11
C ILE A 81 -12.03 16.58 -5.61
N GLU A 82 -11.18 17.51 -5.19
CA GLU A 82 -10.82 17.68 -3.77
C GLU A 82 -12.05 17.92 -2.93
N ILE A 83 -11.98 17.53 -1.66
CA ILE A 83 -13.01 17.90 -0.71
C ILE A 83 -13.14 19.41 -0.63
N ASP A 84 -14.37 19.90 -0.46
CA ASP A 84 -14.56 21.31 -0.18
C ASP A 84 -14.28 21.58 1.29
N HIS A 85 -13.08 22.12 1.55
CA HIS A 85 -12.65 22.44 2.91
C HIS A 85 -13.35 23.64 3.51
N GLY A 86 -14.22 24.30 2.75
CA GLY A 86 -15.03 25.38 3.30
C GLY A 86 -14.17 26.46 3.92
N MET A 87 -14.48 26.79 5.17
CA MET A 87 -13.78 27.87 5.87
C MET A 87 -12.29 27.63 6.10
N TRP A 88 -11.82 26.39 6.03
CA TRP A 88 -10.40 26.14 6.16
C TRP A 88 -9.65 26.49 4.90
N SER A 89 -10.35 26.63 3.77
CA SER A 89 -9.67 26.89 2.49
C SER A 89 -8.85 28.18 2.54
N GLY A 90 -7.57 28.09 2.23
CA GLY A 90 -6.65 29.22 2.30
C GLY A 90 -5.90 29.34 3.62
N MET A 91 -6.26 28.55 4.61
CA MET A 91 -5.58 28.62 5.91
C MET A 91 -4.44 27.63 6.01
N LEU A 92 -3.38 28.04 6.72
CA LEU A 92 -2.30 27.14 7.06
C LEU A 92 -2.79 26.13 8.10
N VAL A 93 -2.17 24.96 8.11
CA VAL A 93 -2.48 23.95 9.15
C VAL A 93 -2.37 24.59 10.54
N GLU A 94 -1.27 25.29 10.81
CA GLU A 94 -1.09 25.89 12.12
C GLU A 94 -2.16 26.94 12.41
N GLU A 95 -2.68 27.62 11.39
CA GLU A 95 -3.78 28.59 11.60
C GLU A 95 -5.09 27.91 11.98
N VAL A 96 -5.37 26.78 11.35
CA VAL A 96 -6.55 26.00 11.67
C VAL A 96 -6.43 25.44 13.09
N MET A 97 -5.24 24.97 13.45
CA MET A 97 -5.01 24.39 14.80
C MET A 97 -5.30 25.42 15.88
N GLU A 98 -4.95 26.68 15.60
CA GLU A 98 -5.12 27.77 16.56
C GLU A 98 -6.57 28.26 16.61
N LYS A 99 -7.19 28.45 15.44
CA LYS A 99 -8.52 29.04 15.37
C LYS A 99 -9.65 28.04 15.62
N TYR A 100 -9.48 26.83 15.11
CA TYR A 100 -10.53 25.82 15.17
C TYR A 100 -9.98 24.53 15.79
N PRO A 101 -9.47 24.61 17.03
CA PRO A 101 -8.78 23.45 17.56
C PRO A 101 -9.66 22.22 17.72
N GLU A 102 -10.93 22.40 18.06
CA GLU A 102 -11.81 21.25 18.25
C GLU A 102 -12.18 20.60 16.92
N ASP A 103 -12.39 21.42 15.89
CA ASP A 103 -12.65 20.88 14.54
C ASP A 103 -11.41 20.19 13.98
N PHE A 104 -10.24 20.76 14.24
CA PHE A 104 -9.01 20.09 13.86
C PHE A 104 -8.84 18.74 14.53
N ARG A 105 -9.14 18.68 15.83
CA ARG A 105 -9.05 17.43 16.54
C ARG A 105 -9.98 16.37 15.94
N ARG A 106 -11.22 16.78 15.62
CA ARG A 106 -12.16 15.85 15.01
C ARG A 106 -11.67 15.32 13.65
N TRP A 107 -11.08 16.20 12.85
CA TRP A 107 -10.51 15.81 11.57
C TRP A 107 -9.42 14.75 11.74
N VAL A 108 -8.51 14.98 12.69
CA VAL A 108 -7.38 14.09 12.83
C VAL A 108 -7.72 12.80 13.56
N GLU A 109 -8.72 12.81 14.45
CA GLU A 109 -9.07 11.64 15.26
C GLU A 109 -10.29 10.88 14.74
N GLU A 110 -11.24 11.60 14.17
CA GLU A 110 -12.51 11.01 13.72
C GLU A 110 -12.95 11.59 12.39
N PRO A 111 -12.12 11.41 11.36
CA PRO A 111 -12.35 12.10 10.09
C PRO A 111 -13.71 11.78 9.46
N HIS A 112 -14.17 10.57 9.66
CA HIS A 112 -15.43 10.11 9.08
C HIS A 112 -16.63 10.92 9.59
N LYS A 113 -16.49 11.62 10.70
CA LYS A 113 -17.58 12.44 11.26
C LYS A 113 -17.56 13.90 10.77
N VAL A 114 -16.55 14.28 10.01
CA VAL A 114 -16.34 15.71 9.74
C VAL A 114 -17.24 16.22 8.61
N GLU A 115 -17.78 17.41 8.83
CA GLU A 115 -18.42 18.17 7.79
C GLU A 115 -17.87 19.58 7.87
N PHE A 116 -17.13 20.00 6.84
CA PHE A 116 -16.49 21.30 6.87
C PHE A 116 -17.53 22.39 6.75
N GLN A 117 -17.49 23.34 7.69
CA GLN A 117 -18.43 24.46 7.68
C GLN A 117 -18.23 25.26 6.38
N GLY A 118 -19.34 25.46 5.68
CA GLY A 118 -19.34 26.08 4.36
C GLY A 118 -18.86 25.16 3.27
N GLY A 119 -18.54 23.91 3.61
CA GLY A 119 -17.98 22.96 2.65
C GLY A 119 -18.66 21.62 2.69
N GLU A 120 -17.87 20.57 2.50
CA GLU A 120 -18.35 19.23 2.23
C GLU A 120 -18.02 18.29 3.41
N SER A 121 -18.80 17.24 3.56
CA SER A 121 -18.50 16.21 4.54
C SER A 121 -17.63 15.13 3.92
N LEU A 122 -16.86 14.44 4.76
CA LEU A 122 -16.08 13.32 4.28
C LEU A 122 -16.98 12.21 3.78
N ALA A 123 -18.12 11.99 4.43
CA ALA A 123 -19.08 11.03 3.93
C ALA A 123 -19.50 11.31 2.49
N SER A 124 -19.75 12.58 2.16
CA SER A 124 -20.09 12.98 0.79
C SER A 124 -18.97 12.63 -0.19
N VAL A 125 -17.72 12.86 0.21
CA VAL A 125 -16.60 12.49 -0.64
C VAL A 125 -16.59 10.98 -0.89
N TYR A 126 -16.75 10.19 0.18
CA TYR A 126 -16.76 8.75 0.06
C TYR A 126 -17.85 8.33 -0.94
N ASN A 127 -19.04 8.89 -0.79
CA ASN A 127 -20.13 8.49 -1.67
C ASN A 127 -19.86 8.78 -3.14
N ARG A 128 -19.30 9.95 -3.44
CA ARG A 128 -19.08 10.30 -4.83
C ARG A 128 -17.92 9.52 -5.47
N VAL A 129 -16.84 9.31 -4.71
CA VAL A 129 -15.73 8.54 -5.25
C VAL A 129 -16.11 7.06 -5.43
N LYS A 130 -16.91 6.52 -4.51
CA LYS A 130 -17.32 5.12 -4.65
C LYS A 130 -18.24 4.94 -5.84
N GLY A 131 -19.16 5.87 -6.08
CA GLY A 131 -20.00 5.80 -7.28
C GLY A 131 -19.15 5.84 -8.55
N PHE A 132 -18.13 6.70 -8.57
CA PHE A 132 -17.19 6.75 -9.69
C PHE A 132 -16.48 5.42 -9.88
N LEU A 133 -15.93 4.86 -8.81
CA LEU A 133 -15.22 3.58 -8.90
C LEU A 133 -16.12 2.42 -9.35
N GLU A 134 -17.37 2.43 -8.90
CA GLU A 134 -18.32 1.39 -9.35
C GLU A 134 -18.56 1.51 -10.84
N GLU A 135 -18.66 2.73 -11.34
CA GLU A 135 -18.87 2.94 -12.76
C GLU A 135 -17.61 2.56 -13.55
N VAL A 136 -16.43 2.84 -13.00
CA VAL A 136 -15.18 2.45 -13.63
C VAL A 136 -15.09 0.92 -13.76
N ARG A 137 -15.47 0.22 -12.70
CA ARG A 137 -15.41 -1.25 -12.67
C ARG A 137 -16.27 -1.85 -13.81
N LYS A 138 -17.42 -1.25 -14.05
CA LYS A 138 -18.35 -1.71 -15.08
C LYS A 138 -17.84 -1.35 -16.47
N ARG A 139 -17.37 -0.13 -16.62
CA ARG A 139 -17.07 0.41 -17.93
C ARG A 139 -15.71 -0.03 -18.47
N HIS A 140 -14.77 -0.22 -17.57
CA HIS A 140 -13.37 -0.37 -17.94
C HIS A 140 -12.78 -1.71 -17.58
N TRP A 141 -13.62 -2.72 -17.49
CA TRP A 141 -13.15 -4.07 -17.30
C TRP A 141 -12.13 -4.44 -18.37
N ASN A 142 -11.04 -5.08 -17.97
CA ASN A 142 -9.92 -5.45 -18.87
C ASN A 142 -9.11 -4.27 -19.41
N GLN A 143 -9.21 -3.13 -18.74
CA GLN A 143 -8.46 -1.97 -19.14
C GLN A 143 -7.62 -1.43 -18.00
N THR A 144 -6.68 -0.55 -18.34
CA THR A 144 -5.84 0.15 -17.38
C THR A 144 -6.29 1.59 -17.32
N VAL A 145 -6.68 2.02 -16.13
CA VAL A 145 -7.33 3.30 -15.91
C VAL A 145 -6.49 4.12 -14.92
N VAL A 146 -6.11 5.32 -15.31
CA VAL A 146 -5.38 6.25 -14.44
C VAL A 146 -6.40 7.23 -13.87
N VAL A 147 -6.31 7.46 -12.57
CA VAL A 147 -7.22 8.36 -11.86
C VAL A 147 -6.30 9.34 -11.11
N VAL A 148 -6.34 10.60 -11.54
CA VAL A 148 -5.50 11.64 -10.91
C VAL A 148 -6.37 12.49 -9.99
N SER A 149 -6.03 12.47 -8.70
CA SER A 149 -6.88 13.05 -7.69
C SER A 149 -6.03 13.61 -6.51
N HIS A 150 -6.65 13.70 -5.34
CA HIS A 150 -6.14 14.42 -4.19
C HIS A 150 -6.17 13.49 -2.99
N THR A 151 -5.40 13.81 -1.96
CA THR A 151 -5.32 12.96 -0.77
CA THR A 151 -5.34 12.95 -0.78
C THR A 151 -6.69 12.58 -0.20
N VAL A 152 -7.59 13.55 -0.04
CA VAL A 152 -8.83 13.27 0.67
C VAL A 152 -9.72 12.27 -0.10
N PRO A 153 -10.06 12.59 -1.36
CA PRO A 153 -10.80 11.60 -2.16
C PRO A 153 -10.04 10.29 -2.34
N MET A 154 -8.72 10.32 -2.46
CA MET A 154 -7.98 9.06 -2.62
C MET A 154 -8.10 8.17 -1.39
N ARG A 155 -7.95 8.75 -0.20
CA ARG A 155 -8.07 7.96 1.04
C ARG A 155 -9.49 7.41 1.19
N ALA A 156 -10.48 8.22 0.83
CA ALA A 156 -11.85 7.74 0.77
C ALA A 156 -11.98 6.56 -0.22
N MET A 157 -11.30 6.67 -1.35
CA MET A 157 -11.28 5.60 -2.33
C MET A 157 -10.68 4.33 -1.76
N TYR A 158 -9.59 4.42 -1.01
CA TYR A 158 -9.03 3.19 -0.43
C TYR A 158 -10.01 2.50 0.50
N CYS A 159 -10.72 3.29 1.29
CA CYS A 159 -11.72 2.72 2.18
C CYS A 159 -12.82 2.01 1.38
N ALA A 160 -13.29 2.68 0.33
CA ALA A 160 -14.34 2.12 -0.54
C ALA A 160 -13.86 0.86 -1.21
N LEU A 161 -12.66 0.91 -1.78
CA LEU A 161 -12.11 -0.24 -2.50
C LEU A 161 -11.94 -1.46 -1.61
N LEU A 162 -11.47 -1.27 -0.39
CA LEU A 162 -11.27 -2.38 0.54
C LEU A 162 -12.56 -2.83 1.21
N GLY A 163 -13.59 -1.98 1.16
CA GLY A 163 -14.83 -2.24 1.88
C GLY A 163 -14.63 -2.14 3.38
N VAL A 164 -13.85 -1.16 3.81
CA VAL A 164 -13.60 -0.95 5.23
C VAL A 164 -14.18 0.39 5.65
N ASP A 165 -14.29 0.60 6.96
CA ASP A 165 -14.94 1.81 7.44
C ASP A 165 -14.16 3.07 7.04
N LEU A 166 -14.90 4.13 6.74
CA LEU A 166 -14.33 5.43 6.43
C LEU A 166 -13.49 5.96 7.58
N SER A 167 -13.70 5.44 8.79
CA SER A 167 -12.87 5.81 9.92
C SER A 167 -11.42 5.44 9.75
N LYS A 168 -11.12 4.57 8.77
CA LYS A 168 -9.74 4.14 8.48
C LYS A 168 -8.99 5.09 7.54
N PHE A 169 -9.65 6.20 7.17
CA PHE A 169 -9.16 7.24 6.30
C PHE A 169 -7.66 7.54 6.37
N TRP A 170 -7.13 7.80 7.56
CA TRP A 170 -5.74 8.27 7.66
C TRP A 170 -4.69 7.18 7.50
N SER A 171 -5.12 5.94 7.32
CA SER A 171 -4.15 4.84 7.41
C SER A 171 -3.44 4.56 6.08
N PHE A 172 -3.53 5.47 5.10
CA PHE A 172 -2.95 5.24 3.77
C PHE A 172 -2.04 6.39 3.37
N GLY A 173 -0.80 6.09 3.04
CA GLY A 173 0.12 7.08 2.55
C GLY A 173 -0.28 7.65 1.21
N CYS A 174 0.04 8.93 1.00
CA CYS A 174 -0.38 9.63 -0.22
C CYS A 174 0.50 10.83 -0.51
N ASP A 175 1.66 10.60 -1.13
CA ASP A 175 2.62 11.65 -1.41
C ASP A 175 2.37 12.26 -2.79
N ASN A 176 2.80 13.50 -2.96
CA ASN A 176 2.67 14.15 -4.28
C ASN A 176 3.32 13.33 -5.39
N ALA A 177 2.60 13.23 -6.51
CA ALA A 177 3.07 12.53 -7.71
C ALA A 177 3.40 11.05 -7.48
N SER A 178 2.79 10.47 -6.45
CA SER A 178 2.86 9.05 -6.20
C SER A 178 1.83 8.34 -7.05
N TYR A 179 1.97 7.02 -7.15
CA TYR A 179 0.92 6.21 -7.71
C TYR A 179 0.72 4.94 -6.88
N SER A 180 -0.50 4.46 -6.89
CA SER A 180 -0.85 3.17 -6.29
C SER A 180 -1.44 2.32 -7.38
N VAL A 181 -1.27 1.01 -7.28
CA VAL A 181 -1.79 0.07 -8.27
C VAL A 181 -2.81 -0.80 -7.58
N ILE A 182 -4.06 -0.75 -8.05
CA ILE A 182 -5.17 -1.52 -7.51
C ILE A 182 -5.66 -2.41 -8.63
N HIS A 183 -5.86 -3.68 -8.34
CA HIS A 183 -6.54 -4.55 -9.29
C HIS A 183 -7.96 -4.72 -8.82
N MET A 184 -8.90 -4.32 -9.67
CA MET A 184 -10.31 -4.48 -9.37
C MET A 184 -10.70 -5.84 -9.95
N GLU A 185 -10.74 -6.86 -9.10
CA GLU A 185 -10.90 -8.25 -9.54
C GLU A 185 -12.36 -8.66 -9.42
N GLU A 186 -12.65 -9.88 -9.84
CA GLU A 186 -14.01 -10.39 -9.79
C GLU A 186 -14.62 -10.32 -8.39
N ARG A 187 -13.86 -10.74 -7.38
CA ARG A 187 -14.38 -10.91 -6.02
C ARG A 187 -14.03 -9.80 -5.05
N ARG A 188 -13.09 -8.93 -5.41
CA ARG A 188 -12.55 -7.96 -4.47
C ARG A 188 -11.65 -6.99 -5.20
N ASN A 189 -11.25 -5.94 -4.50
CA ASN A 189 -10.21 -5.03 -4.97
C ASN A 189 -8.94 -5.31 -4.18
N VAL A 190 -7.82 -5.34 -4.88
CA VAL A 190 -6.51 -5.64 -4.25
C VAL A 190 -5.61 -4.41 -4.43
N ILE A 191 -5.06 -3.90 -3.34
CA ILE A 191 -4.03 -2.85 -3.40
C ILE A 191 -2.71 -3.55 -3.57
N LEU A 192 -2.23 -3.66 -4.81
CA LEU A 192 -0.98 -4.34 -5.09
CA LEU A 192 -0.99 -4.35 -5.11
C LEU A 192 0.22 -3.48 -4.68
N LYS A 193 0.12 -2.18 -4.91
CA LYS A 193 1.20 -1.24 -4.58
C LYS A 193 0.56 0.01 -4.03
N LEU A 194 1.12 0.56 -2.95
CA LEU A 194 0.56 1.80 -2.41
C LEU A 194 1.64 2.86 -2.29
N ASN A 195 1.36 4.03 -2.87
CA ASN A 195 2.12 5.25 -2.64
C ASN A 195 3.56 5.15 -3.13
N ILE A 196 3.73 4.63 -4.35
CA ILE A 196 5.05 4.48 -4.94
C ILE A 196 5.56 5.85 -5.40
N THR A 197 6.78 6.17 -4.99
CA THR A 197 7.43 7.44 -5.33
C THR A 197 8.86 7.28 -5.85
N CYS A 198 9.30 6.06 -6.12
CA CYS A 198 10.70 5.83 -6.52
CA CYS A 198 10.68 5.78 -6.54
C CYS A 198 11.15 6.64 -7.73
N HIS A 199 10.23 6.88 -8.67
CA HIS A 199 10.51 7.61 -9.90
C HIS A 199 10.87 9.08 -9.66
N LEU A 200 10.55 9.58 -8.46
CA LEU A 200 10.73 10.99 -8.18
C LEU A 200 12.16 11.35 -7.85
N GLY A 201 12.94 10.39 -7.34
CA GLY A 201 14.35 10.62 -7.01
C GLY A 201 14.46 11.73 -5.98
N GLU A 202 15.31 12.71 -6.27
CA GLU A 202 15.59 13.84 -5.38
C GLU A 202 14.39 14.78 -5.24
N PHE A 203 13.40 14.64 -6.11
CA PHE A 203 12.22 15.51 -6.09
C PHE A 203 11.09 14.92 -5.27
N TYR A 204 11.36 13.82 -4.57
CA TYR A 204 10.40 13.23 -3.64
C TYR A 204 10.26 14.08 -2.39
N VAL A 205 9.00 14.33 -2.00
CA VAL A 205 8.70 15.08 -0.80
C VAL A 205 7.68 14.29 -0.02
N GLU A 206 7.96 14.09 1.27
CA GLU A 206 7.02 13.44 2.17
C GLU A 206 5.86 14.37 2.49
N ALA A 207 4.65 13.82 2.45
CA ALA A 207 3.41 14.59 2.64
C ALA A 207 3.29 15.19 4.04
N HIS A 208 2.63 16.34 4.12
CA HIS A 208 2.36 17.03 5.38
C HIS A 208 1.30 16.30 6.18
N LYS A 209 1.45 16.37 7.50
CA LYS A 209 0.45 15.80 8.40
C LYS A 209 -0.85 16.61 8.29
N ALA A 210 -1.97 15.90 8.37
CA ALA A 210 -3.33 16.49 8.43
C ALA A 210 -3.83 17.06 7.09
N ILE A 211 -3.11 16.73 6.04
CA ILE A 211 -3.48 17.09 4.67
C ILE A 211 -3.98 15.81 4.01
N MET B 1 6.66 6.84 17.90
CA MET B 1 6.09 5.90 16.86
C MET B 1 7.07 4.79 16.52
N VAL B 2 6.55 3.66 16.03
CA VAL B 2 7.41 2.61 15.49
C VAL B 2 7.43 2.75 13.97
N LYS B 3 8.62 2.78 13.39
CA LYS B 3 8.73 2.66 11.94
C LYS B 3 8.93 1.19 11.64
N LEU B 4 7.87 0.58 11.14
CA LEU B 4 7.83 -0.84 10.90
C LEU B 4 8.06 -1.10 9.42
N ILE B 5 9.08 -1.86 9.09
CA ILE B 5 9.42 -2.17 7.71
C ILE B 5 9.14 -3.65 7.53
N LEU B 6 8.10 -3.97 6.76
CA LEU B 6 7.65 -5.35 6.61
CA LEU B 6 7.63 -5.34 6.61
C LEU B 6 8.17 -5.87 5.29
N VAL B 7 8.99 -6.92 5.34
CA VAL B 7 9.68 -7.45 4.19
C VAL B 7 9.24 -8.86 3.90
N ARG B 8 8.92 -9.15 2.64
CA ARG B 8 8.73 -10.55 2.25
C ARG B 8 10.08 -11.11 1.85
N HIS B 9 10.37 -12.34 2.26
CA HIS B 9 11.59 -13.00 1.83
C HIS B 9 11.76 -12.95 0.31
N ALA B 10 13.02 -12.97 -0.10
CA ALA B 10 13.37 -13.11 -1.49
C ALA B 10 12.90 -14.47 -2.04
N GLU B 11 12.93 -14.58 -3.36
CA GLU B 11 12.38 -15.73 -4.06
C GLU B 11 13.04 -17.03 -3.63
N SER B 12 12.22 -18.01 -3.30
CA SER B 12 12.72 -19.34 -3.01
C SER B 12 12.66 -20.17 -4.29
N GLU B 13 13.35 -21.30 -4.24
CA GLU B 13 13.35 -22.21 -5.37
C GLU B 13 11.96 -22.71 -5.75
N TRP B 14 10.99 -22.60 -4.84
CA TRP B 14 9.64 -23.08 -5.06
C TRP B 14 8.72 -22.01 -5.53
N ASN B 15 9.16 -20.76 -5.50
CA ASN B 15 8.26 -19.67 -5.88
C ASN B 15 7.92 -19.60 -7.38
N PRO B 16 8.91 -19.79 -8.29
CA PRO B 16 8.59 -19.71 -9.73
C PRO B 16 7.56 -20.75 -10.20
N VAL B 17 7.54 -21.94 -9.61
CA VAL B 17 6.59 -22.96 -10.07
C VAL B 17 5.25 -22.95 -9.31
N GLY B 18 5.17 -22.14 -8.26
CA GLY B 18 3.96 -22.05 -7.46
C GLY B 18 3.70 -23.31 -6.65
N ARG B 19 4.73 -23.80 -5.96
CA ARG B 19 4.58 -24.98 -5.12
C ARG B 19 4.41 -24.49 -3.69
N TYR B 20 3.34 -24.94 -3.04
CA TYR B 20 3.03 -24.49 -1.66
C TYR B 20 4.13 -24.93 -0.69
N GLN B 21 4.72 -23.96 0.02
CA GLN B 21 5.85 -24.26 0.90
C GLN B 21 5.46 -24.55 2.36
N GLY B 22 4.58 -23.74 2.97
CA GLY B 22 4.27 -23.94 4.38
C GLY B 22 5.54 -23.93 5.22
N LEU B 23 5.65 -24.93 6.10
CA LEU B 23 6.80 -25.05 7.00
C LEU B 23 7.99 -25.79 6.37
N LEU B 24 7.84 -26.22 5.12
CA LEU B 24 8.97 -26.79 4.39
C LEU B 24 10.01 -25.69 4.16
N ASP B 25 11.25 -26.08 3.98
CA ASP B 25 12.36 -25.14 4.10
C ASP B 25 13.34 -25.10 2.89
N PRO B 26 12.83 -24.73 1.69
CA PRO B 26 13.72 -24.62 0.54
C PRO B 26 14.64 -23.42 0.62
N ASP B 27 15.76 -23.53 -0.10
CA ASP B 27 16.73 -22.45 -0.25
C ASP B 27 16.14 -21.32 -1.08
N LEU B 28 16.76 -20.16 -0.96
CA LEU B 28 16.53 -19.11 -1.95
C LEU B 28 16.99 -19.59 -3.34
N SER B 29 16.30 -19.11 -4.37
CA SER B 29 16.77 -19.31 -5.74
C SER B 29 17.98 -18.43 -6.01
N GLU B 30 18.69 -18.66 -7.11
CA GLU B 30 19.77 -17.76 -7.51
C GLU B 30 19.26 -16.32 -7.66
N ARG B 31 18.09 -16.17 -8.28
CA ARG B 31 17.48 -14.85 -8.42
C ARG B 31 17.17 -14.26 -7.04
N GLY B 32 16.62 -15.10 -6.15
CA GLY B 32 16.29 -14.67 -4.78
C GLY B 32 17.53 -14.17 -4.03
N LYS B 33 18.65 -14.86 -4.17
CA LYS B 33 19.90 -14.39 -3.54
C LYS B 33 20.30 -12.99 -4.01
N LYS B 34 20.14 -12.72 -5.30
CA LYS B 34 20.37 -11.37 -5.84
C LYS B 34 19.34 -10.36 -5.30
N GLN B 35 18.08 -10.77 -5.24
CA GLN B 35 17.04 -9.87 -4.72
C GLN B 35 17.37 -9.45 -3.31
N ALA B 36 17.82 -10.41 -2.49
CA ALA B 36 18.09 -10.11 -1.07
C ALA B 36 19.22 -9.09 -0.92
N LYS B 37 20.22 -9.18 -1.80
CA LYS B 37 21.30 -8.20 -1.85
C LYS B 37 20.80 -6.82 -2.26
N LEU B 38 19.93 -6.75 -3.27
CA LEU B 38 19.39 -5.47 -3.74
C LEU B 38 18.51 -4.81 -2.71
N LEU B 39 17.70 -5.60 -2.01
CA LEU B 39 16.87 -5.11 -0.91
C LEU B 39 17.74 -4.63 0.26
N ALA B 40 18.80 -5.38 0.58
CA ALA B 40 19.73 -4.98 1.62
C ALA B 40 20.35 -3.62 1.33
N GLN B 41 20.72 -3.40 0.06
CA GLN B 41 21.34 -2.15 -0.38
C GLN B 41 20.39 -0.96 -0.25
N GLU B 42 19.11 -1.24 -0.41
CA GLU B 42 18.10 -0.19 -0.28
C GLU B 42 17.87 0.19 1.20
N LEU B 43 17.84 -0.79 2.10
CA LEU B 43 17.55 -0.55 3.52
C LEU B 43 18.74 -0.07 4.36
N SER B 44 19.94 -0.28 3.81
CA SER B 44 21.18 0.10 4.50
C SER B 44 21.39 1.60 4.52
N ARG B 45 20.61 2.31 3.72
CA ARG B 45 20.73 3.73 3.59
C ARG B 45 20.07 4.36 4.79
N GLU B 46 19.38 3.57 5.60
CA GLU B 46 18.79 4.17 6.79
C GLU B 46 18.97 3.43 8.10
N HIS B 47 18.65 4.11 9.19
CA HIS B 47 18.91 3.60 10.50
C HIS B 47 17.93 2.49 10.85
N LEU B 48 18.48 1.32 11.18
CA LEU B 48 17.67 0.18 11.61
C LEU B 48 18.09 -0.20 13.03
N ASP B 49 17.11 -0.34 13.90
CA ASP B 49 17.39 -0.72 15.29
C ASP B 49 17.39 -2.22 15.53
N VAL B 50 16.50 -2.95 14.84
CA VAL B 50 16.33 -4.37 15.09
C VAL B 50 15.71 -5.04 13.87
N ILE B 51 16.11 -6.29 13.67
CA ILE B 51 15.58 -7.12 12.57
C ILE B 51 15.05 -8.42 13.14
N TYR B 52 13.75 -8.66 12.95
CA TYR B 52 13.09 -9.93 13.29
C TYR B 52 12.91 -10.72 12.00
N SER B 53 13.06 -12.03 12.09
CA SER B 53 12.90 -12.89 10.92
C SER B 53 12.22 -14.20 11.28
N SER B 54 11.32 -14.66 10.42
CA SER B 54 10.89 -16.03 10.46
C SER B 54 12.15 -16.91 10.39
N PRO B 55 12.16 -18.05 11.11
CA PRO B 55 13.38 -18.87 11.20
C PRO B 55 13.66 -19.73 9.96
N LEU B 56 12.71 -19.77 9.03
CA LEU B 56 12.91 -20.54 7.80
C LEU B 56 14.03 -19.92 6.98
N LYS B 57 14.69 -20.75 6.18
CA LYS B 57 15.88 -20.35 5.45
C LYS B 57 15.59 -19.17 4.51
N ARG B 58 14.49 -19.22 3.77
CA ARG B 58 14.24 -18.18 2.79
C ARG B 58 14.15 -16.79 3.44
N THR B 59 13.49 -16.72 4.58
CA THR B 59 13.36 -15.48 5.36
C THR B 59 14.67 -15.14 6.07
N TYR B 60 15.27 -16.13 6.73
CA TYR B 60 16.48 -15.85 7.49
C TYR B 60 17.64 -15.35 6.62
N LEU B 61 17.84 -15.97 5.45
CA LEU B 61 18.89 -15.54 4.52
C LEU B 61 18.65 -14.13 4.01
N THR B 62 17.38 -13.79 3.80
CA THR B 62 17.05 -12.43 3.36
C THR B 62 17.41 -11.43 4.47
N ALA B 63 17.03 -11.77 5.69
CA ALA B 63 17.30 -10.94 6.88
C ALA B 63 18.79 -10.78 7.12
N LEU B 64 19.56 -11.84 6.89
CA LEU B 64 21.01 -11.74 7.04
C LEU B 64 21.67 -10.74 6.11
N GLU B 65 21.23 -10.70 4.85
CA GLU B 65 21.73 -9.73 3.89
C GLU B 65 21.47 -8.30 4.31
N ILE B 66 20.26 -8.05 4.83
CA ILE B 66 19.89 -6.72 5.29
C ILE B 66 20.74 -6.34 6.49
N ALA B 67 20.98 -7.31 7.36
CA ALA B 67 21.77 -7.02 8.55
C ALA B 67 23.26 -6.83 8.26
N GLU B 68 23.82 -7.49 7.24
CA GLU B 68 25.27 -7.44 7.06
C GLU B 68 25.65 -5.99 6.89
N ALA B 69 26.68 -5.56 7.53
CA ALA B 69 26.98 -4.18 7.21
C ALA B 69 25.98 -3.22 7.79
N LYS B 70 25.04 -3.69 8.60
CA LYS B 70 24.56 -2.84 9.68
C LYS B 70 24.97 -3.39 11.04
N ASN B 71 25.74 -4.48 11.02
CA ASN B 71 26.19 -5.14 12.25
C ASN B 71 25.04 -5.32 13.26
N LEU B 72 23.92 -5.83 12.75
CA LEU B 72 22.79 -6.22 13.58
C LEU B 72 22.72 -7.75 13.68
N GLU B 73 22.16 -8.23 14.77
CA GLU B 73 21.92 -9.66 14.94
C GLU B 73 20.48 -9.93 14.59
N VAL B 74 20.25 -10.86 13.66
CA VAL B 74 18.89 -11.22 13.28
C VAL B 74 18.25 -11.99 14.44
N ILE B 75 17.09 -11.54 14.90
CA ILE B 75 16.35 -12.23 15.94
C ILE B 75 15.30 -13.13 15.29
N LYS B 76 15.45 -14.43 15.49
CA LYS B 76 14.47 -15.39 14.99
C LYS B 76 13.18 -15.28 15.79
N GLU B 77 12.06 -15.32 15.08
CA GLU B 77 10.77 -15.10 15.67
C GLU B 77 9.78 -16.10 15.09
N ASP B 78 9.36 -17.07 15.90
CA ASP B 78 8.37 -18.07 15.49
C ASP B 78 6.99 -17.50 15.16
N ARG B 79 6.60 -16.40 15.80
CA ARG B 79 5.26 -15.85 15.60
C ARG B 79 5.02 -15.31 14.18
N ILE B 80 6.10 -15.09 13.42
CA ILE B 80 6.00 -14.60 12.03
C ILE B 80 6.39 -15.66 10.99
N ILE B 81 6.45 -16.92 11.42
CA ILE B 81 6.72 -18.03 10.51
C ILE B 81 5.55 -18.21 9.55
N GLU B 82 5.82 -18.88 8.44
CA GLU B 82 4.80 -19.16 7.43
C GLU B 82 3.66 -19.98 8.04
N ILE B 83 2.45 -19.83 7.49
CA ILE B 83 1.35 -20.71 7.87
C ILE B 83 1.73 -22.17 7.57
N ASP B 84 1.28 -23.08 8.42
CA ASP B 84 1.39 -24.51 8.14
C ASP B 84 0.28 -24.88 7.15
N HIS B 85 0.66 -25.06 5.89
CA HIS B 85 -0.28 -25.41 4.84
C HIS B 85 -0.73 -26.87 4.87
N GLY B 86 -0.21 -27.63 5.84
CA GLY B 86 -0.66 -29.00 6.04
C GLY B 86 -0.52 -29.82 4.77
N MET B 87 -1.62 -30.45 4.38
CA MET B 87 -1.60 -31.35 3.21
C MET B 87 -1.27 -30.68 1.88
N TRP B 88 -1.48 -29.38 1.77
CA TRP B 88 -1.09 -28.68 0.55
C TRP B 88 0.42 -28.54 0.38
N SER B 89 1.17 -28.66 1.45
CA SER B 89 2.61 -28.43 1.41
C SER B 89 3.28 -29.39 0.43
N GLY B 90 3.95 -28.84 -0.59
CA GLY B 90 4.61 -29.64 -1.62
C GLY B 90 3.83 -29.82 -2.90
N MET B 91 2.57 -29.37 -2.89
CA MET B 91 1.73 -29.42 -4.06
C MET B 91 1.77 -28.10 -4.83
N LEU B 92 1.62 -28.22 -6.14
CA LEU B 92 1.44 -27.07 -7.00
C LEU B 92 0.04 -26.52 -6.86
N VAL B 93 -0.10 -25.22 -7.09
CA VAL B 93 -1.42 -24.58 -7.04
C VAL B 93 -2.43 -25.34 -7.91
N GLU B 94 -2.03 -25.69 -9.13
CA GLU B 94 -2.94 -26.37 -10.05
C GLU B 94 -3.32 -27.74 -9.52
N GLU B 95 -2.42 -28.40 -8.78
CA GLU B 95 -2.76 -29.70 -8.18
C GLU B 95 -3.75 -29.56 -7.04
N VAL B 96 -3.58 -28.53 -6.22
CA VAL B 96 -4.52 -28.25 -5.13
C VAL B 96 -5.92 -27.95 -5.70
N MET B 97 -5.94 -27.15 -6.76
CA MET B 97 -7.21 -26.77 -7.43
C MET B 97 -7.99 -27.99 -7.89
N GLU B 98 -7.28 -29.00 -8.38
CA GLU B 98 -7.95 -30.20 -8.89
C GLU B 98 -8.29 -31.21 -7.78
N LYS B 99 -7.38 -31.38 -6.83
CA LYS B 99 -7.54 -32.38 -5.78
C LYS B 99 -8.47 -31.92 -4.66
N TYR B 100 -8.36 -30.66 -4.25
CA TYR B 100 -9.16 -30.10 -3.16
C TYR B 100 -9.92 -28.85 -3.64
N PRO B 101 -10.89 -29.03 -4.55
CA PRO B 101 -11.47 -27.82 -5.16
C PRO B 101 -12.27 -26.93 -4.22
N GLU B 102 -13.05 -27.52 -3.33
CA GLU B 102 -13.82 -26.74 -2.35
C GLU B 102 -12.95 -26.06 -1.29
N ASP B 103 -11.89 -26.73 -0.85
CA ASP B 103 -10.93 -26.13 0.10
C ASP B 103 -10.17 -25.00 -0.57
N PHE B 104 -9.84 -25.17 -1.83
CA PHE B 104 -9.15 -24.11 -2.57
C PHE B 104 -10.08 -22.91 -2.74
N ARG B 105 -11.34 -23.18 -3.05
CA ARG B 105 -12.32 -22.13 -3.19
C ARG B 105 -12.47 -21.35 -1.88
N ARG B 106 -12.48 -22.05 -0.75
CA ARG B 106 -12.62 -21.39 0.55
C ARG B 106 -11.41 -20.50 0.83
N TRP B 107 -10.24 -20.94 0.42
CA TRP B 107 -9.03 -20.19 0.62
C TRP B 107 -9.10 -18.88 -0.14
N VAL B 108 -9.57 -18.93 -1.38
CA VAL B 108 -9.60 -17.73 -2.23
C VAL B 108 -10.80 -16.82 -1.93
N GLU B 109 -11.92 -17.39 -1.52
CA GLU B 109 -13.13 -16.61 -1.27
C GLU B 109 -13.32 -16.15 0.17
N GLU B 110 -13.02 -17.04 1.12
CA GLU B 110 -13.25 -16.79 2.52
C GLU B 110 -12.05 -17.26 3.35
N PRO B 111 -10.89 -16.61 3.14
CA PRO B 111 -9.63 -17.09 3.73
C PRO B 111 -9.67 -17.14 5.26
N HIS B 112 -10.44 -16.24 5.87
CA HIS B 112 -10.51 -16.14 7.32
C HIS B 112 -11.08 -17.37 8.00
N LYS B 113 -11.82 -18.18 7.24
CA LYS B 113 -12.48 -19.39 7.75
C LYS B 113 -11.65 -20.64 7.59
N VAL B 114 -10.49 -20.52 6.94
CA VAL B 114 -9.75 -21.72 6.52
C VAL B 114 -8.93 -22.31 7.67
N GLU B 115 -8.95 -23.64 7.78
CA GLU B 115 -8.00 -24.39 8.59
C GLU B 115 -7.43 -25.49 7.70
N PHE B 116 -6.11 -25.47 7.49
CA PHE B 116 -5.50 -26.48 6.64
C PHE B 116 -5.46 -27.83 7.34
N GLN B 117 -5.94 -28.85 6.64
CA GLN B 117 -5.91 -30.22 7.13
C GLN B 117 -4.44 -30.61 7.41
N GLY B 118 -4.14 -31.04 8.64
CA GLY B 118 -2.77 -31.36 9.03
C GLY B 118 -1.91 -30.14 9.27
N GLY B 119 -2.53 -28.97 9.29
CA GLY B 119 -1.80 -27.72 9.39
C GLY B 119 -2.43 -26.73 10.35
N GLU B 120 -2.41 -25.46 9.96
CA GLU B 120 -2.80 -24.35 10.81
C GLU B 120 -3.97 -23.58 10.20
N SER B 121 -4.73 -22.86 11.05
CA SER B 121 -5.80 -21.99 10.56
C SER B 121 -5.29 -20.58 10.34
N LEU B 122 -5.97 -19.85 9.45
CA LEU B 122 -5.61 -18.45 9.25
C LEU B 122 -5.90 -17.64 10.51
N ALA B 123 -6.98 -17.99 11.22
CA ALA B 123 -7.26 -17.36 12.51
C ALA B 123 -6.05 -17.47 13.47
N SER B 124 -5.38 -18.63 13.48
CA SER B 124 -4.21 -18.85 14.32
C SER B 124 -3.04 -17.95 13.92
N VAL B 125 -2.84 -17.83 12.62
CA VAL B 125 -1.82 -16.92 12.10
C VAL B 125 -2.11 -15.48 12.54
N TYR B 126 -3.35 -15.05 12.36
CA TYR B 126 -3.74 -13.69 12.75
C TYR B 126 -3.46 -13.47 14.24
N ASN B 127 -3.80 -14.44 15.07
CA ASN B 127 -3.66 -14.30 16.50
C ASN B 127 -2.17 -14.15 16.87
N ARG B 128 -1.29 -14.95 16.25
CA ARG B 128 0.13 -14.90 16.63
C ARG B 128 0.85 -13.65 16.11
N VAL B 129 0.52 -13.22 14.90
CA VAL B 129 1.17 -12.02 14.37
C VAL B 129 0.65 -10.78 15.08
N LYS B 130 -0.61 -10.79 15.50
CA LYS B 130 -1.17 -9.63 16.21
C LYS B 130 -0.45 -9.48 17.54
N GLY B 131 -0.24 -10.60 18.24
CA GLY B 131 0.44 -10.57 19.53
C GLY B 131 1.88 -10.10 19.39
N PHE B 132 2.54 -10.54 18.32
CA PHE B 132 3.88 -10.08 18.00
C PHE B 132 3.90 -8.56 17.78
N LEU B 133 2.98 -8.07 16.93
CA LEU B 133 2.88 -6.64 16.67
C LEU B 133 2.58 -5.81 17.92
N GLU B 134 1.73 -6.33 18.81
CA GLU B 134 1.41 -5.63 20.06
C GLU B 134 2.68 -5.51 20.92
N GLU B 135 3.48 -6.58 20.97
CA GLU B 135 4.75 -6.55 21.72
C GLU B 135 5.78 -5.59 21.09
N VAL B 136 5.86 -5.58 19.76
CA VAL B 136 6.74 -4.67 19.05
C VAL B 136 6.40 -3.21 19.36
N ARG B 137 5.10 -2.88 19.36
CA ARG B 137 4.66 -1.50 19.59
C ARG B 137 5.11 -1.00 20.95
N LYS B 138 5.01 -1.87 21.94
CA LYS B 138 5.45 -1.57 23.31
C LYS B 138 6.95 -1.46 23.43
N ARG B 139 7.66 -2.45 22.91
CA ARG B 139 9.10 -2.58 23.13
C ARG B 139 9.93 -1.63 22.28
N HIS B 140 9.47 -1.37 21.06
CA HIS B 140 10.28 -0.66 20.07
C HIS B 140 9.71 0.70 19.69
N TRP B 141 9.01 1.33 20.61
CA TRP B 141 8.56 2.69 20.38
C TRP B 141 9.75 3.58 20.06
N ASN B 142 9.59 4.50 19.11
CA ASN B 142 10.67 5.40 18.66
C ASN B 142 11.85 4.67 18.00
N GLN B 143 11.62 3.47 17.48
CA GLN B 143 12.65 2.70 16.80
C GLN B 143 12.18 2.26 15.42
N THR B 144 13.13 1.85 14.60
CA THR B 144 12.86 1.27 13.28
C THR B 144 13.07 -0.23 13.37
N VAL B 145 12.05 -1.00 12.99
CA VAL B 145 11.99 -2.44 13.18
C VAL B 145 11.74 -3.08 11.84
N VAL B 146 12.63 -3.97 11.41
CA VAL B 146 12.43 -4.76 10.19
C VAL B 146 11.85 -6.11 10.59
N VAL B 147 10.85 -6.55 9.85
CA VAL B 147 10.17 -7.82 10.09
C VAL B 147 10.23 -8.59 8.77
N VAL B 148 10.96 -9.69 8.74
CA VAL B 148 11.11 -10.48 7.52
C VAL B 148 10.24 -11.72 7.61
N SER B 149 9.26 -11.82 6.73
CA SER B 149 8.21 -12.82 6.88
C SER B 149 7.71 -13.29 5.51
N HIS B 150 6.49 -13.82 5.51
CA HIS B 150 5.90 -14.52 4.38
C HIS B 150 4.56 -13.91 4.04
N THR B 151 4.05 -14.15 2.82
CA THR B 151 2.77 -13.57 2.40
C THR B 151 1.63 -13.79 3.41
N VAL B 152 1.49 -15.01 3.90
CA VAL B 152 0.30 -15.29 4.72
C VAL B 152 0.32 -14.53 6.07
N PRO B 153 1.38 -14.69 6.88
CA PRO B 153 1.48 -13.85 8.07
C PRO B 153 1.50 -12.35 7.79
N MET B 154 2.13 -11.93 6.70
CA MET B 154 2.15 -10.48 6.38
C MET B 154 0.76 -9.92 6.08
N ARG B 155 -0.02 -10.66 5.30
CA ARG B 155 -1.39 -10.22 5.03
C ARG B 155 -2.25 -10.19 6.30
N ALA B 156 -2.07 -11.19 7.16
CA ALA B 156 -2.71 -11.16 8.46
C ALA B 156 -2.27 -9.94 9.28
N MET B 157 -0.97 -9.61 9.21
CA MET B 157 -0.47 -8.41 9.87
C MET B 157 -1.14 -7.14 9.35
N TYR B 158 -1.34 -7.00 8.04
CA TYR B 158 -2.00 -5.79 7.54
C TYR B 158 -3.41 -5.66 8.09
N CYS B 159 -4.11 -6.78 8.18
CA CYS B 159 -5.45 -6.76 8.76
C CYS B 159 -5.41 -6.28 10.22
N ALA B 160 -4.50 -6.87 11.01
CA ALA B 160 -4.33 -6.47 12.42
C ALA B 160 -3.92 -4.99 12.54
N LEU B 161 -2.97 -4.56 11.72
CA LEU B 161 -2.48 -3.19 11.77
C LEU B 161 -3.57 -2.17 11.46
N LEU B 162 -4.39 -2.47 10.47
CA LEU B 162 -5.49 -1.56 10.09
C LEU B 162 -6.69 -1.67 11.02
N GLY B 163 -6.79 -2.75 11.80
CA GLY B 163 -7.94 -2.99 12.65
C GLY B 163 -9.14 -3.32 11.78
N VAL B 164 -8.89 -4.13 10.75
CA VAL B 164 -9.97 -4.58 9.87
C VAL B 164 -10.12 -6.09 9.92
N ASP B 165 -11.21 -6.58 9.36
CA ASP B 165 -11.53 -8.00 9.44
C ASP B 165 -10.50 -8.82 8.69
N LEU B 166 -10.19 -9.99 9.23
CA LEU B 166 -9.30 -10.94 8.56
C LEU B 166 -9.82 -11.36 7.16
N SER B 167 -11.12 -11.21 6.90
CA SER B 167 -11.68 -11.44 5.56
C SER B 167 -11.05 -10.56 4.48
N LYS B 168 -10.35 -9.49 4.89
CA LYS B 168 -9.70 -8.58 3.93
C LYS B 168 -8.29 -9.07 3.51
N PHE B 169 -7.90 -10.24 4.02
CA PHE B 169 -6.61 -10.88 3.76
C PHE B 169 -5.96 -10.66 2.38
N TRP B 170 -6.71 -10.94 1.31
CA TRP B 170 -6.13 -10.94 -0.03
C TRP B 170 -5.94 -9.57 -0.62
N SER B 171 -6.30 -8.53 0.11
CA SER B 171 -6.32 -7.22 -0.51
C SER B 171 -4.98 -6.47 -0.51
N PHE B 172 -3.89 -7.13 -0.14
CA PHE B 172 -2.57 -6.49 -0.01
C PHE B 172 -1.52 -7.20 -0.85
N GLY B 173 -0.85 -6.45 -1.72
CA GLY B 173 0.26 -6.97 -2.52
C GLY B 173 1.44 -7.36 -1.65
N CYS B 174 2.18 -8.37 -2.09
CA CYS B 174 3.25 -8.95 -1.29
C CYS B 174 4.23 -9.70 -2.18
N ASP B 175 5.08 -8.98 -2.91
CA ASP B 175 6.04 -9.59 -3.83
C ASP B 175 7.33 -9.99 -3.10
N ASN B 176 8.04 -10.97 -3.65
CA ASN B 176 9.32 -11.39 -3.08
C ASN B 176 10.28 -10.19 -2.95
N ALA B 177 10.92 -10.08 -1.78
CA ALA B 177 11.95 -9.07 -1.52
C ALA B 177 11.43 -7.64 -1.61
N SER B 178 10.13 -7.49 -1.43
CA SER B 178 9.48 -6.17 -1.32
C SER B 178 9.60 -5.69 0.11
N TYR B 179 9.37 -4.39 0.30
CA TYR B 179 9.15 -3.87 1.64
C TYR B 179 7.96 -2.94 1.69
N SER B 180 7.34 -2.88 2.86
CA SER B 180 6.26 -1.95 3.15
C SER B 180 6.70 -1.13 4.34
N VAL B 181 6.26 0.12 4.41
CA VAL B 181 6.59 1.00 5.54
C VAL B 181 5.30 1.32 6.27
N ILE B 182 5.23 0.94 7.55
CA ILE B 182 4.08 1.22 8.38
C ILE B 182 4.57 2.07 9.55
N HIS B 183 3.86 3.15 9.83
CA HIS B 183 4.12 3.90 11.06
C HIS B 183 3.09 3.51 12.09
N MET B 184 3.58 2.96 13.19
CA MET B 184 2.71 2.62 14.32
C MET B 184 2.64 3.85 15.21
N GLU B 185 1.58 4.64 15.07
CA GLU B 185 1.48 5.96 15.70
C GLU B 185 0.64 5.87 16.97
N GLU B 186 0.52 6.97 17.69
CA GLU B 186 -0.23 6.98 18.93
C GLU B 186 -1.67 6.48 18.79
N ARG B 187 -2.36 6.90 17.73
CA ARG B 187 -3.78 6.60 17.59
C ARG B 187 -4.17 5.51 16.58
N ARG B 188 -3.22 5.13 15.74
CA ARG B 188 -3.47 4.24 14.61
C ARG B 188 -2.17 3.80 14.00
N ASN B 189 -2.28 2.79 13.14
CA ASN B 189 -1.21 2.37 12.27
C ASN B 189 -1.48 2.89 10.86
N VAL B 190 -0.44 3.41 10.23
CA VAL B 190 -0.54 3.99 8.89
C VAL B 190 0.35 3.21 7.94
N ILE B 191 -0.22 2.68 6.86
CA ILE B 191 0.57 2.07 5.79
C ILE B 191 1.01 3.19 4.86
N LEU B 192 2.23 3.66 5.05
CA LEU B 192 2.79 4.72 4.23
C LEU B 192 3.16 4.23 2.83
N LYS B 193 3.76 3.04 2.76
CA LYS B 193 4.20 2.45 1.49
C LYS B 193 3.88 0.98 1.52
N LEU B 194 3.29 0.43 0.44
CA LEU B 194 3.00 -1.00 0.42
C LEU B 194 3.64 -1.64 -0.79
N ASN B 195 4.40 -2.70 -0.52
CA ASN B 195 4.89 -3.62 -1.53
C ASN B 195 5.82 -2.95 -2.54
N ILE B 196 6.77 -2.18 -2.02
CA ILE B 196 7.77 -1.50 -2.85
C ILE B 196 8.80 -2.51 -3.36
N THR B 197 9.00 -2.50 -4.68
CA THR B 197 9.94 -3.42 -5.34
C THR B 197 10.87 -2.71 -6.33
N CYS B 198 10.90 -1.37 -6.35
CA CYS B 198 11.66 -0.62 -7.36
CA CYS B 198 11.66 -0.60 -7.35
C CYS B 198 13.13 -0.99 -7.36
N HIS B 199 13.67 -1.30 -6.19
CA HIS B 199 15.09 -1.68 -6.04
C HIS B 199 15.45 -2.97 -6.75
N LEU B 200 14.45 -3.76 -7.12
CA LEU B 200 14.75 -5.07 -7.68
C LEU B 200 15.12 -5.02 -9.15
N GLY B 201 14.62 -4.01 -9.87
CA GLY B 201 14.91 -3.88 -11.31
C GLY B 201 14.53 -5.12 -12.10
N GLU B 202 15.51 -5.62 -12.86
CA GLU B 202 15.34 -6.82 -13.68
C GLU B 202 15.15 -8.12 -12.88
N PHE B 203 15.40 -8.07 -11.58
CA PHE B 203 15.20 -9.24 -10.71
C PHE B 203 13.85 -9.27 -10.01
N TYR B 204 12.99 -8.32 -10.36
CA TYR B 204 11.62 -8.29 -9.89
C TYR B 204 10.81 -9.43 -10.48
N VAL B 205 10.05 -10.13 -9.63
CA VAL B 205 9.10 -11.15 -10.06
C VAL B 205 7.77 -10.85 -9.43
N GLU B 206 6.71 -10.91 -10.23
CA GLU B 206 5.35 -10.76 -9.70
C GLU B 206 4.92 -12.00 -8.95
N ALA B 207 4.23 -11.81 -7.84
CA ALA B 207 3.81 -12.91 -6.98
C ALA B 207 2.73 -13.75 -7.68
N HIS B 208 2.75 -15.04 -7.40
CA HIS B 208 1.77 -15.98 -7.93
C HIS B 208 0.42 -15.81 -7.25
N LYS B 209 -0.65 -15.99 -8.02
CA LYS B 209 -1.98 -16.00 -7.43
C LYS B 209 -2.15 -17.18 -6.46
N ALA B 210 -2.94 -16.94 -5.43
CA ALA B 210 -3.35 -17.95 -4.46
C ALA B 210 -2.24 -18.37 -3.48
N ILE B 211 -1.16 -17.61 -3.48
CA ILE B 211 0.00 -17.84 -2.59
C ILE B 211 0.08 -16.71 -1.58
CL CL C . -3.06 18.86 -1.26
C1 EDO D . -15.98 0.07 -5.56
O1 EDO D . -16.88 -0.51 -4.62
C2 EDO D . -15.96 -0.83 -6.78
O2 EDO D . -15.46 -2.13 -6.43
C1 EDO E . 0.22 30.90 -0.93
O1 EDO E . 0.74 30.03 0.08
C2 EDO E . 0.57 32.36 -0.63
O2 EDO E . 1.85 32.43 0.00
C1 EDO F . -3.36 13.52 10.38
O1 EDO F . -2.08 13.34 9.74
C2 EDO F . -3.80 12.24 11.05
O2 EDO F . -2.96 12.06 12.19
C1 EDO G . -1.25 -4.12 16.18
O1 EDO G . -2.59 -4.36 16.59
C2 EDO G . -0.58 -3.18 17.17
O2 EDO G . -0.94 -1.82 16.84
#